data_9KGQ
#
_entry.id   9KGQ
#
_cell.length_a   55.660
_cell.length_b   99.294
_cell.length_c   59.927
_cell.angle_alpha   90.000
_cell.angle_beta   108.657
_cell.angle_gamma   90.000
#
_symmetry.space_group_name_H-M   'P 1 21 1'
#
loop_
_entity.id
_entity.type
_entity.pdbx_description
1 polymer '3C-like proteinase nsp5'
2 polymer 'compound 4'
3 water water
#
loop_
_entity_poly.entity_id
_entity_poly.type
_entity_poly.pdbx_seq_one_letter_code
_entity_poly.pdbx_strand_id
1 'polypeptide(L)'
;GPLGSSGFRKMAFPSGKVEGCMVQVTCGTTTLNGLWLDDVVYCPRHVICTSEDMLNPNYEDLLIRKSNHNFLVQAGNVQL
RVIGHSMQNCVLKLKVDTANPKTPKYKFVRIQPGQTFSVLACYNGSPSGVYQCAMRPNFTIKGSFLNGSCGSVGFNIDYD
CVSFCYMHHMELPTGVHAGTDLEGNFYGPFVDRQTAQAAGTDTTITVNVLAWLYAAVINGDRWFLNRFTTTLNDFNLVAM
KYNYEPLTQDHVDILGPLSAQTGIAVLDMCASLKELLQNGMNGRTILGSALLEDEFTPFDVVRQCSGVTFQ
;
B,A
2 'polypeptide(L)' (ACE)(DVA)L(ELL) C,D
#
# COMPACT_ATOMS: atom_id res chain seq x y z
N SER A 6 5.15 11.61 10.77
CA SER A 6 6.00 11.20 9.64
C SER A 6 5.32 11.49 8.30
N GLY A 7 6.12 11.82 7.30
CA GLY A 7 5.61 11.97 5.95
C GLY A 7 5.78 10.73 5.09
N PHE A 8 6.06 9.58 5.72
CA PHE A 8 6.31 8.34 4.99
C PHE A 8 5.08 7.44 4.97
N ARG A 9 4.85 6.79 3.83
CA ARG A 9 3.79 5.80 3.65
C ARG A 9 4.42 4.51 3.13
N LYS A 10 3.90 3.36 3.56
CA LYS A 10 4.15 2.15 2.77
C LYS A 10 3.35 2.26 1.47
N MET A 11 4.06 2.32 0.35
CA MET A 11 3.45 2.54 -0.96
C MET A 11 3.70 1.30 -1.80
N ALA A 12 2.63 0.74 -2.35
CA ALA A 12 2.75 -0.40 -3.25
C ALA A 12 2.97 0.09 -4.66
N PHE A 13 3.50 -0.78 -5.52
CA PHE A 13 3.53 -0.48 -6.95
C PHE A 13 2.14 -0.57 -7.55
N PRO A 14 1.84 0.22 -8.59
CA PRO A 14 0.55 0.01 -9.28
C PRO A 14 0.47 -1.42 -9.77
N SER A 15 -0.68 -2.00 -9.60
CA SER A 15 -0.84 -3.44 -9.72
C SER A 15 -1.36 -3.89 -11.08
N GLY A 16 -1.70 -2.95 -11.96
CA GLY A 16 -2.37 -3.35 -13.19
C GLY A 16 -1.61 -4.38 -14.02
N LYS A 17 -0.31 -4.19 -14.17
CA LYS A 17 0.40 -5.14 -15.05
C LYS A 17 0.34 -6.56 -14.50
N VAL A 18 0.19 -6.74 -13.20
CA VAL A 18 0.07 -8.07 -12.60
C VAL A 18 -1.38 -8.56 -12.61
N GLU A 19 -2.33 -7.65 -12.41
CA GLU A 19 -3.74 -8.02 -12.44
C GLU A 19 -4.08 -8.75 -13.73
N GLY A 20 -3.52 -8.28 -14.86
CA GLY A 20 -3.77 -8.87 -16.17
C GLY A 20 -3.22 -10.28 -16.33
N CYS A 21 -2.50 -10.78 -15.33
CA CYS A 21 -1.84 -12.06 -15.38
C CYS A 21 -2.48 -13.06 -14.44
N MET A 22 -3.46 -12.66 -13.64
CA MET A 22 -3.94 -13.59 -12.61
C MET A 22 -5.05 -14.46 -13.19
N VAL A 23 -4.95 -15.76 -12.91
CA VAL A 23 -5.98 -16.75 -13.28
C VAL A 23 -6.29 -17.63 -12.07
N GLN A 24 -7.31 -18.47 -12.22
CA GLN A 24 -7.56 -19.49 -11.19
C GLN A 24 -7.25 -20.87 -11.71
N VAL A 25 -6.78 -21.74 -10.82
CA VAL A 25 -6.43 -23.11 -11.16
C VAL A 25 -7.15 -24.01 -10.15
N THR A 26 -7.90 -24.99 -10.66
CA THR A 26 -8.62 -25.93 -9.82
C THR A 26 -8.25 -27.35 -10.22
N CYS A 27 -8.01 -28.17 -9.20
CA CYS A 27 -7.82 -29.60 -9.29
C CYS A 27 -8.76 -30.22 -8.27
N GLY A 28 -9.61 -31.12 -8.71
CA GLY A 28 -10.59 -31.67 -7.78
C GLY A 28 -11.44 -30.56 -7.22
N THR A 29 -11.40 -30.37 -5.90
CA THR A 29 -12.15 -29.26 -5.29
C THR A 29 -11.23 -28.15 -4.78
N THR A 30 -9.93 -28.24 -5.00
CA THR A 30 -9.00 -27.23 -4.50
C THR A 30 -8.81 -26.15 -5.57
N THR A 31 -9.13 -24.91 -5.24
CA THR A 31 -8.92 -23.79 -6.16
C THR A 31 -7.91 -22.84 -5.54
N LEU A 32 -6.96 -22.41 -6.34
CA LEU A 32 -6.02 -21.34 -5.92
C LEU A 32 -5.73 -20.48 -7.14
N ASN A 33 -4.80 -19.55 -6.99
CA ASN A 33 -4.51 -18.63 -8.07
C ASN A 33 -3.29 -19.08 -8.83
N GLY A 34 -3.22 -18.64 -10.09
CA GLY A 34 -2.04 -18.87 -10.90
C GLY A 34 -1.67 -17.63 -11.67
N LEU A 35 -0.45 -17.66 -12.20
CA LEU A 35 0.16 -16.53 -12.87
C LEU A 35 0.37 -16.92 -14.32
N TRP A 36 -0.28 -16.20 -15.25
CA TRP A 36 -0.31 -16.57 -16.69
C TRP A 36 0.60 -15.58 -17.42
N LEU A 37 1.76 -16.07 -17.86
CA LEU A 37 2.73 -15.27 -18.58
C LEU A 37 3.04 -15.99 -19.89
N ASP A 38 2.87 -15.31 -21.02
CA ASP A 38 2.97 -15.98 -22.32
C ASP A 38 2.04 -17.18 -22.29
N ASP A 39 2.50 -18.38 -22.60
CA ASP A 39 1.60 -19.52 -22.67
C ASP A 39 1.82 -20.51 -21.53
N VAL A 40 2.27 -20.01 -20.36
CA VAL A 40 2.46 -20.88 -19.21
C VAL A 40 1.73 -20.27 -18.02
N VAL A 41 1.11 -21.12 -17.21
CA VAL A 41 0.48 -20.70 -15.96
C VAL A 41 1.28 -21.33 -14.82
N TYR A 42 1.73 -20.50 -13.88
CA TYR A 42 2.53 -20.95 -12.72
C TYR A 42 1.66 -20.97 -11.46
N CYS A 43 1.70 -22.04 -10.67
CA CYS A 43 0.89 -22.05 -9.46
C CYS A 43 1.51 -23.01 -8.42
N PRO A 44 1.10 -22.90 -7.15
CA PRO A 44 1.66 -23.81 -6.12
C PRO A 44 1.27 -25.24 -6.43
N ARG A 45 2.24 -26.14 -6.28
CA ARG A 45 1.97 -27.55 -6.64
C ARG A 45 0.97 -28.22 -5.72
N HIS A 46 0.74 -27.69 -4.52
CA HIS A 46 -0.23 -28.30 -3.62
C HIS A 46 -1.66 -28.26 -4.12
N VAL A 47 -1.94 -27.58 -5.24
CA VAL A 47 -3.26 -27.70 -5.82
C VAL A 47 -3.64 -29.15 -6.14
N ILE A 48 -2.65 -30.04 -6.33
CA ILE A 48 -2.95 -31.42 -6.74
C ILE A 48 -3.28 -32.31 -5.56
N CYS A 49 -3.19 -31.76 -4.35
CA CYS A 49 -3.39 -32.54 -3.14
C CYS A 49 -4.85 -32.59 -2.73
N THR A 50 -5.22 -33.72 -2.14
CA THR A 50 -6.42 -33.87 -1.36
C THR A 50 -6.06 -33.70 0.12
N SER A 51 -7.08 -33.72 0.97
CA SER A 51 -6.85 -33.66 2.41
C SER A 51 -6.27 -34.96 2.96
N GLU A 52 -6.39 -36.06 2.24
CA GLU A 52 -5.70 -37.28 2.66
C GLU A 52 -4.20 -37.18 2.35
N ASP A 53 -3.82 -36.41 1.34
CA ASP A 53 -2.44 -36.34 0.90
C ASP A 53 -1.66 -35.24 1.60
N MET A 54 -2.33 -34.20 2.08
CA MET A 54 -1.61 -33.00 2.49
C MET A 54 -0.74 -33.16 3.74
N LEU A 55 -0.76 -34.26 4.51
CA LEU A 55 0.15 -34.26 5.66
C LEU A 55 1.60 -34.53 5.29
N ASN A 56 1.83 -35.41 4.32
CA ASN A 56 3.14 -35.51 3.67
C ASN A 56 2.91 -36.02 2.27
N PRO A 57 2.45 -35.15 1.38
CA PRO A 57 2.06 -35.60 0.05
C PRO A 57 3.28 -36.16 -0.66
N ASN A 58 3.06 -37.21 -1.43
CA ASN A 58 4.09 -37.66 -2.35
C ASN A 58 3.79 -36.96 -3.66
N TYR A 59 4.39 -35.78 -3.84
CA TYR A 59 4.07 -34.92 -4.97
C TYR A 59 4.39 -35.60 -6.29
N GLU A 60 5.53 -36.31 -6.35
CA GLU A 60 5.88 -37.01 -7.57
C GLU A 60 4.84 -38.08 -7.90
N ASP A 61 4.44 -38.88 -6.89
CA ASP A 61 3.42 -39.88 -7.18
C ASP A 61 2.05 -39.24 -7.44
N LEU A 62 1.74 -38.14 -6.76
CA LEU A 62 0.45 -37.51 -6.98
C LEU A 62 0.37 -36.94 -8.37
N LEU A 63 1.50 -36.42 -8.87
CA LEU A 63 1.53 -35.82 -10.19
C LEU A 63 1.42 -36.89 -11.27
N ILE A 64 2.03 -38.05 -11.05
CA ILE A 64 1.94 -39.15 -12.02
C ILE A 64 0.49 -39.45 -12.36
N ARG A 65 -0.38 -39.42 -11.35
CA ARG A 65 -1.77 -39.75 -11.55
C ARG A 65 -2.56 -38.61 -12.18
N LYS A 66 -1.93 -37.51 -12.59
CA LYS A 66 -2.61 -36.37 -13.19
C LYS A 66 -2.36 -36.29 -14.68
N SER A 67 -3.37 -35.87 -15.45
CA SER A 67 -3.25 -35.61 -16.86
C SER A 67 -3.60 -34.15 -17.11
N ASN A 68 -3.27 -33.66 -18.31
CA ASN A 68 -3.68 -32.31 -18.69
C ASN A 68 -5.18 -32.08 -18.46
N HIS A 69 -6.01 -33.09 -18.73
CA HIS A 69 -7.45 -32.87 -18.62
C HIS A 69 -7.96 -32.79 -17.17
N ASN A 70 -7.10 -32.98 -16.18
CA ASN A 70 -7.49 -32.86 -14.79
C ASN A 70 -7.42 -31.43 -14.27
N PHE A 71 -6.86 -30.50 -15.05
CA PHE A 71 -6.56 -29.16 -14.52
C PHE A 71 -7.55 -28.18 -15.15
N LEU A 72 -8.28 -27.43 -14.31
CA LEU A 72 -9.23 -26.43 -14.75
C LEU A 72 -8.58 -25.07 -14.52
N VAL A 73 -8.17 -24.43 -15.62
CA VAL A 73 -7.55 -23.09 -15.58
C VAL A 73 -8.55 -22.13 -16.16
N GLN A 74 -8.84 -21.04 -15.44
CA GLN A 74 -9.83 -20.11 -15.96
C GLN A 74 -9.34 -18.69 -15.77
N ALA A 75 -9.55 -17.87 -16.81
CA ALA A 75 -9.38 -16.42 -16.76
C ALA A 75 -10.79 -15.88 -16.60
N GLY A 76 -11.14 -15.43 -15.41
CA GLY A 76 -12.56 -15.22 -15.18
C GLY A 76 -13.28 -16.55 -15.28
N ASN A 77 -14.37 -16.60 -16.07
CA ASN A 77 -15.07 -17.87 -16.31
C ASN A 77 -14.67 -18.52 -17.63
N VAL A 78 -13.64 -18.00 -18.29
CA VAL A 78 -13.20 -18.52 -19.59
C VAL A 78 -12.10 -19.54 -19.35
N GLN A 79 -12.34 -20.77 -19.79
CA GLN A 79 -11.38 -21.83 -19.55
C GLN A 79 -10.26 -21.73 -20.56
N LEU A 80 -9.02 -21.91 -20.07
CA LEU A 80 -7.83 -22.06 -20.90
C LEU A 80 -7.42 -23.53 -20.97
N ARG A 81 -7.29 -24.03 -22.19
CA ARG A 81 -6.99 -25.45 -22.37
C ARG A 81 -5.55 -25.73 -22.02
N VAL A 82 -5.36 -26.68 -21.13
CA VAL A 82 -4.01 -27.12 -20.74
C VAL A 82 -3.49 -28.13 -21.73
N ILE A 83 -2.29 -27.86 -22.26
CA ILE A 83 -1.62 -28.73 -23.24
C ILE A 83 -0.34 -29.36 -22.71
N GLY A 84 0.09 -29.03 -21.49
CA GLY A 84 1.28 -29.66 -20.95
C GLY A 84 1.39 -29.32 -19.50
N HIS A 85 2.09 -30.16 -18.74
CA HIS A 85 2.28 -29.87 -17.32
C HIS A 85 3.62 -30.41 -16.86
N SER A 86 4.22 -29.69 -15.91
CA SER A 86 5.44 -30.18 -15.29
C SER A 86 5.53 -29.53 -13.93
N MET A 87 6.39 -30.08 -13.09
CA MET A 87 6.64 -29.56 -11.75
C MET A 87 8.08 -29.12 -11.63
N GLN A 88 8.29 -27.95 -11.04
CA GLN A 88 9.63 -27.41 -10.84
C GLN A 88 9.67 -27.03 -9.37
N ASN A 89 10.39 -27.80 -8.55
CA ASN A 89 10.43 -27.55 -7.12
C ASN A 89 9.00 -27.52 -6.59
N CYS A 90 8.55 -26.44 -5.95
CA CYS A 90 7.19 -26.44 -5.40
C CYS A 90 6.19 -25.69 -6.26
N VAL A 91 6.52 -25.46 -7.52
CA VAL A 91 5.65 -24.79 -8.49
C VAL A 91 5.28 -25.76 -9.61
N LEU A 92 4.02 -25.69 -10.01
CA LEU A 92 3.51 -26.41 -11.17
C LEU A 92 3.48 -25.43 -12.33
N LYS A 93 3.89 -25.87 -13.51
CA LYS A 93 3.83 -25.07 -14.70
C LYS A 93 2.86 -25.76 -15.65
N LEU A 94 1.79 -25.06 -16.03
CA LEU A 94 0.79 -25.59 -16.95
C LEU A 94 0.93 -24.85 -18.25
N LYS A 95 1.29 -25.57 -19.31
CA LYS A 95 1.33 -24.96 -20.62
C LYS A 95 -0.11 -24.92 -21.14
N VAL A 96 -0.50 -23.77 -21.66
CA VAL A 96 -1.86 -23.53 -22.12
C VAL A 96 -1.78 -23.16 -23.59
N ASP A 97 -2.92 -23.25 -24.26
CA ASP A 97 -2.89 -23.08 -25.70
C ASP A 97 -3.00 -21.64 -26.15
N THR A 98 -3.05 -20.67 -25.24
CA THR A 98 -3.23 -19.27 -25.60
C THR A 98 -2.15 -18.46 -24.88
N ALA A 99 -1.47 -17.60 -25.62
CA ALA A 99 -0.48 -16.73 -25.01
C ALA A 99 -1.18 -15.50 -24.45
N ASN A 100 -0.89 -15.16 -23.19
CA ASN A 100 -1.60 -14.06 -22.55
C ASN A 100 -1.26 -12.75 -23.25
N PRO A 101 -2.23 -12.06 -23.87
CA PRO A 101 -1.92 -10.78 -24.52
C PRO A 101 -1.57 -9.66 -23.56
N LYS A 102 -1.83 -9.84 -22.27
CA LYS A 102 -1.50 -8.83 -21.28
C LYS A 102 -0.16 -9.10 -20.61
N THR A 103 0.62 -10.04 -21.11
CA THR A 103 1.89 -10.37 -20.48
C THR A 103 2.79 -9.14 -20.50
N PRO A 104 3.31 -8.71 -19.34
CA PRO A 104 4.23 -7.56 -19.34
C PRO A 104 5.64 -8.04 -19.62
N LYS A 105 6.55 -7.08 -19.84
CA LYS A 105 7.95 -7.47 -19.76
C LYS A 105 8.19 -7.92 -18.33
N TYR A 106 8.88 -9.04 -18.16
CA TYR A 106 9.03 -9.55 -16.80
C TYR A 106 10.34 -10.32 -16.60
N LYS A 107 10.68 -10.52 -15.33
CA LYS A 107 11.78 -11.38 -14.92
C LYS A 107 11.35 -12.08 -13.64
N PHE A 108 11.96 -13.23 -13.36
CA PHE A 108 11.81 -13.92 -12.09
C PHE A 108 13.09 -13.67 -11.28
N VAL A 109 12.95 -13.22 -10.05
CA VAL A 109 14.13 -12.94 -9.23
C VAL A 109 13.95 -13.53 -7.84
N ARG A 110 15.07 -13.82 -7.20
CA ARG A 110 15.05 -14.35 -5.85
C ARG A 110 15.58 -13.24 -4.94
N ILE A 111 14.75 -12.77 -4.02
CA ILE A 111 15.16 -11.63 -3.20
C ILE A 111 15.88 -12.08 -1.93
N GLN A 112 16.56 -11.11 -1.26
CA GLN A 112 17.23 -11.26 0.01
C GLN A 112 16.35 -10.75 1.14
N PRO A 113 16.50 -11.27 2.35
CA PRO A 113 15.86 -10.63 3.51
C PRO A 113 16.16 -9.13 3.54
N GLY A 114 15.16 -8.37 3.96
CA GLY A 114 15.18 -6.95 3.96
C GLY A 114 14.55 -6.33 2.76
N GLN A 115 14.58 -7.02 1.62
CA GLN A 115 13.98 -6.40 0.44
C GLN A 115 12.46 -6.35 0.55
N THR A 116 11.86 -5.33 -0.06
CA THR A 116 10.43 -5.14 0.01
C THR A 116 9.88 -5.46 -1.38
N PHE A 117 8.58 -5.70 -1.41
CA PHE A 117 7.89 -5.99 -2.67
C PHE A 117 6.41 -5.77 -2.44
N SER A 118 5.66 -5.58 -3.53
CA SER A 118 4.21 -5.46 -3.41
C SER A 118 3.58 -6.83 -3.58
N VAL A 119 2.51 -7.09 -2.83
CA VAL A 119 1.72 -8.32 -2.95
C VAL A 119 0.38 -7.93 -3.52
N LEU A 120 -0.07 -8.66 -4.54
CA LEU A 120 -1.42 -8.48 -5.01
C LEU A 120 -2.21 -9.67 -4.47
N ALA A 121 -3.01 -9.47 -3.44
CA ALA A 121 -3.77 -10.57 -2.89
C ALA A 121 -4.97 -10.90 -3.76
N CYS A 122 -5.14 -12.19 -4.09
CA CYS A 122 -6.12 -12.63 -5.02
C CYS A 122 -6.86 -13.85 -4.45
N TYR A 123 -8.12 -13.94 -4.83
CA TYR A 123 -9.00 -15.06 -4.48
C TYR A 123 -9.75 -15.44 -5.74
N ASN A 124 -9.77 -16.74 -6.07
CA ASN A 124 -10.51 -17.20 -7.24
C ASN A 124 -10.04 -16.52 -8.52
N GLY A 125 -8.76 -16.16 -8.56
CA GLY A 125 -8.21 -15.49 -9.72
C GLY A 125 -8.56 -14.02 -9.83
N SER A 126 -9.21 -13.43 -8.82
CA SER A 126 -9.68 -12.07 -8.90
C SER A 126 -8.90 -11.22 -7.90
N PRO A 127 -8.21 -10.19 -8.36
CA PRO A 127 -7.42 -9.36 -7.43
C PRO A 127 -8.32 -8.65 -6.43
N SER A 128 -7.86 -8.63 -5.17
CA SER A 128 -8.64 -8.03 -4.10
C SER A 128 -7.95 -6.90 -3.36
N GLY A 129 -6.64 -6.89 -3.27
CA GLY A 129 -5.97 -5.79 -2.60
C GLY A 129 -4.48 -5.81 -2.88
N VAL A 130 -3.83 -4.68 -2.60
CA VAL A 130 -2.40 -4.57 -2.84
C VAL A 130 -1.73 -3.89 -1.66
N TYR A 131 -0.61 -4.43 -1.22
CA TYR A 131 0.11 -3.83 -0.09
C TYR A 131 1.59 -4.19 -0.18
N GLN A 132 2.41 -3.44 0.52
CA GLN A 132 3.84 -3.65 0.51
C GLN A 132 4.24 -4.54 1.68
N CYS A 133 5.16 -5.47 1.42
CA CYS A 133 5.66 -6.43 2.41
C CYS A 133 7.18 -6.34 2.44
N ALA A 134 7.78 -6.77 3.54
CA ALA A 134 9.22 -6.89 3.62
C ALA A 134 9.53 -8.34 3.95
N MET A 135 10.47 -8.94 3.25
CA MET A 135 10.91 -10.28 3.63
C MET A 135 11.72 -10.16 4.92
N ARG A 136 11.26 -10.81 6.00
CA ARG A 136 12.03 -10.79 7.26
C ARG A 136 13.30 -11.65 7.18
N PRO A 137 14.25 -11.43 8.11
CA PRO A 137 15.45 -12.30 8.18
C PRO A 137 15.12 -13.76 8.45
N ASN A 138 13.98 -14.05 9.03
CA ASN A 138 13.56 -15.43 9.23
C ASN A 138 12.75 -15.97 8.04
N PHE A 139 12.73 -15.23 6.92
CA PHE A 139 12.11 -15.70 5.65
C PHE A 139 10.60 -15.82 5.73
N THR A 140 9.97 -15.01 6.53
CA THR A 140 8.52 -14.87 6.57
C THR A 140 8.15 -13.47 6.14
N ILE A 141 6.88 -13.29 5.78
CA ILE A 141 6.33 -11.96 5.53
C ILE A 141 5.08 -11.81 6.38
N LYS A 142 4.79 -10.57 6.77
CA LYS A 142 3.58 -10.25 7.52
C LYS A 142 2.55 -9.79 6.50
N GLY A 143 1.80 -10.75 5.97
CA GLY A 143 0.78 -10.48 4.99
C GLY A 143 -0.60 -10.53 5.60
N SER A 144 -1.57 -10.27 4.76
CA SER A 144 -2.97 -10.49 5.02
C SER A 144 -3.39 -11.44 3.92
N PHE A 145 -3.57 -12.72 4.28
CA PHE A 145 -3.82 -13.79 3.33
C PHE A 145 -4.83 -14.73 3.95
N LEU A 146 -5.97 -14.88 3.32
CA LEU A 146 -7.00 -15.78 3.80
C LEU A 146 -6.96 -17.09 3.03
N ASN A 147 -7.89 -17.98 3.36
CA ASN A 147 -7.98 -19.20 2.58
C ASN A 147 -8.28 -18.85 1.13
N GLY A 148 -7.62 -19.57 0.20
CA GLY A 148 -7.78 -19.31 -1.21
C GLY A 148 -6.81 -18.31 -1.82
N SER A 149 -5.93 -17.72 -1.02
CA SER A 149 -4.96 -16.75 -1.51
C SER A 149 -3.71 -17.36 -2.10
N CYS A 150 -3.48 -18.68 -1.99
CA CYS A 150 -2.24 -19.22 -2.53
C CYS A 150 -2.15 -18.97 -4.03
N GLY A 151 -0.92 -18.79 -4.48
CA GLY A 151 -0.65 -18.40 -5.83
C GLY A 151 -0.62 -16.90 -6.06
N SER A 152 -1.13 -16.11 -5.11
CA SER A 152 -0.92 -14.66 -5.16
C SER A 152 0.60 -14.39 -5.18
N VAL A 153 1.01 -13.32 -5.90
CA VAL A 153 2.43 -13.11 -6.09
C VAL A 153 2.88 -11.77 -5.51
N GLY A 154 4.18 -11.69 -5.28
CA GLY A 154 4.83 -10.44 -4.88
C GLY A 154 5.75 -9.99 -6.00
N PHE A 155 5.93 -8.67 -6.14
CA PHE A 155 6.65 -8.16 -7.30
C PHE A 155 7.18 -6.75 -7.02
N ASN A 156 8.18 -6.36 -7.80
CA ASN A 156 8.65 -4.98 -7.93
C ASN A 156 8.57 -4.61 -9.40
N ILE A 157 8.47 -3.32 -9.70
CA ILE A 157 8.41 -2.85 -11.08
C ILE A 157 9.50 -1.82 -11.27
N ASP A 158 10.41 -2.06 -12.22
CA ASP A 158 11.42 -1.08 -12.60
C ASP A 158 11.28 -0.81 -14.10
N TYR A 159 10.99 0.45 -14.47
CA TYR A 159 10.84 0.86 -15.86
C TYR A 159 9.95 -0.10 -16.66
N ASP A 160 8.72 -0.25 -16.18
CA ASP A 160 7.72 -1.12 -16.82
C ASP A 160 8.21 -2.57 -17.03
N CYS A 161 9.25 -3.05 -16.32
CA CYS A 161 9.55 -4.48 -16.26
C CYS A 161 9.16 -4.98 -14.87
N VAL A 162 8.34 -6.02 -14.84
CA VAL A 162 7.86 -6.58 -13.58
C VAL A 162 8.81 -7.69 -13.16
N SER A 163 9.42 -7.55 -11.97
CA SER A 163 10.25 -8.59 -11.40
C SER A 163 9.43 -9.33 -10.36
N PHE A 164 9.05 -10.56 -10.66
CA PHE A 164 8.24 -11.35 -9.75
C PHE A 164 9.18 -12.05 -8.78
N CYS A 165 8.90 -11.93 -7.49
CA CYS A 165 9.81 -12.50 -6.50
C CYS A 165 9.21 -13.46 -5.48
N TYR A 166 7.88 -13.58 -5.38
CA TYR A 166 7.25 -14.34 -4.32
C TYR A 166 5.97 -14.95 -4.88
N MET A 167 5.68 -16.19 -4.51
CA MET A 167 4.39 -16.82 -4.74
C MET A 167 3.92 -17.41 -3.42
N HIS A 168 2.67 -17.14 -3.04
CA HIS A 168 2.25 -17.45 -1.69
C HIS A 168 1.83 -18.93 -1.53
N HIS A 169 2.31 -19.59 -0.44
CA HIS A 169 1.94 -20.99 -0.18
C HIS A 169 1.31 -21.26 1.19
N MET A 170 1.67 -20.55 2.26
CA MET A 170 1.21 -21.06 3.55
C MET A 170 1.24 -20.03 4.67
N GLU A 171 0.52 -20.35 5.74
CA GLU A 171 0.49 -19.56 6.96
C GLU A 171 1.06 -20.36 8.12
N LEU A 172 1.97 -19.75 8.85
CA LEU A 172 2.67 -20.39 9.96
C LEU A 172 1.87 -20.19 11.24
N PRO A 173 2.25 -20.90 12.33
CA PRO A 173 1.43 -20.82 13.57
C PRO A 173 1.27 -19.43 14.14
N THR A 174 2.26 -18.54 13.98
CA THR A 174 2.20 -17.18 14.51
C THR A 174 1.47 -16.21 13.60
N GLY A 175 0.86 -16.69 12.53
CA GLY A 175 0.10 -15.84 11.65
C GLY A 175 0.90 -15.20 10.53
N VAL A 176 2.20 -15.47 10.47
CA VAL A 176 3.02 -14.93 9.38
C VAL A 176 3.01 -15.92 8.22
N HIS A 177 3.52 -15.49 7.07
CA HIS A 177 3.29 -16.20 5.82
C HIS A 177 4.60 -16.63 5.19
N ALA A 178 4.55 -17.69 4.38
CA ALA A 178 5.74 -18.20 3.72
C ALA A 178 5.40 -18.69 2.32
N GLY A 179 6.42 -18.71 1.49
CA GLY A 179 6.19 -19.04 0.09
C GLY A 179 7.49 -19.17 -0.64
N THR A 180 7.40 -19.22 -1.98
CA THR A 180 8.54 -19.55 -2.81
C THR A 180 8.84 -18.41 -3.77
N ASP A 181 9.98 -18.52 -4.45
CA ASP A 181 10.22 -17.74 -5.65
C ASP A 181 9.45 -18.36 -6.82
N LEU A 182 9.54 -17.76 -7.99
CA LEU A 182 8.75 -18.30 -9.09
C LEU A 182 9.41 -19.50 -9.78
N GLU A 183 10.60 -19.89 -9.32
CA GLU A 183 11.18 -21.17 -9.66
C GLU A 183 10.79 -22.24 -8.64
N GLY A 184 9.90 -21.93 -7.69
CA GLY A 184 9.36 -22.89 -6.75
C GLY A 184 10.24 -23.25 -5.58
N ASN A 185 11.28 -22.47 -5.32
CA ASN A 185 12.16 -22.72 -4.18
C ASN A 185 11.69 -21.88 -3.00
N PHE A 186 11.37 -22.53 -1.88
CA PHE A 186 10.91 -21.79 -0.70
C PHE A 186 11.96 -20.81 -0.26
N TYR A 187 11.50 -19.66 0.22
CA TYR A 187 12.32 -18.82 1.08
C TYR A 187 12.21 -19.42 2.47
N GLY A 188 13.36 -19.73 3.07
CA GLY A 188 13.34 -20.27 4.41
C GLY A 188 13.23 -21.78 4.45
N PRO A 189 13.20 -22.34 5.66
CA PRO A 189 13.24 -23.81 5.81
C PRO A 189 11.91 -24.52 5.64
N PHE A 190 10.88 -23.87 5.10
CA PHE A 190 9.55 -24.43 5.13
C PHE A 190 9.35 -25.42 3.99
N VAL A 191 8.35 -26.29 4.16
CA VAL A 191 7.95 -27.27 3.16
C VAL A 191 6.44 -27.22 2.98
N ASP A 192 5.98 -27.57 1.78
CA ASP A 192 4.54 -27.46 1.50
C ASP A 192 3.78 -28.73 1.93
N ARG A 193 3.65 -28.89 3.25
CA ARG A 193 2.85 -29.97 3.85
C ARG A 193 1.99 -29.38 4.96
N GLN A 194 0.88 -30.04 5.28
CA GLN A 194 -0.04 -29.54 6.29
C GLN A 194 0.45 -29.94 7.68
N THR A 195 1.61 -29.38 8.06
CA THR A 195 2.28 -29.70 9.33
C THR A 195 2.66 -28.41 10.06
N ALA A 196 2.88 -28.53 11.37
CA ALA A 196 3.26 -27.39 12.19
C ALA A 196 4.74 -27.11 11.98
N GLN A 197 5.05 -25.90 11.50
CA GLN A 197 6.42 -25.49 11.22
C GLN A 197 6.62 -24.09 11.77
N ALA A 198 7.60 -23.91 12.62
CA ALA A 198 7.71 -22.66 13.34
C ALA A 198 8.64 -21.71 12.61
N ALA A 199 8.24 -20.43 12.55
CA ALA A 199 9.18 -19.41 12.11
C ALA A 199 10.32 -19.31 13.12
N GLY A 200 11.55 -19.29 12.61
CA GLY A 200 12.70 -19.03 13.46
C GLY A 200 12.62 -17.67 14.15
N THR A 201 13.58 -17.44 15.03
CA THR A 201 13.66 -16.15 15.73
C THR A 201 14.00 -15.06 14.73
N ASP A 202 13.30 -13.96 14.81
CA ASP A 202 13.51 -12.91 13.83
C ASP A 202 14.47 -11.87 14.40
N THR A 203 15.05 -11.06 13.50
CA THR A 203 15.96 -9.98 13.88
C THR A 203 15.54 -8.72 13.16
N THR A 204 16.17 -7.62 13.54
CA THR A 204 15.84 -6.33 12.93
C THR A 204 16.73 -6.11 11.70
N ILE A 205 16.13 -5.52 10.65
CA ILE A 205 16.80 -5.37 9.35
C ILE A 205 17.64 -4.08 9.40
N THR A 206 18.93 -4.24 9.72
CA THR A 206 19.80 -3.11 9.99
C THR A 206 19.91 -2.16 8.81
N VAL A 207 20.13 -2.70 7.61
CA VAL A 207 20.28 -1.84 6.43
C VAL A 207 19.09 -0.93 6.24
N ASN A 208 17.89 -1.44 6.54
CA ASN A 208 16.69 -0.62 6.40
C ASN A 208 16.55 0.40 7.52
N VAL A 209 16.92 0.06 8.76
CA VAL A 209 16.98 1.09 9.80
C VAL A 209 17.91 2.20 9.37
N LEU A 210 19.07 1.86 8.84
CA LEU A 210 20.01 2.88 8.40
C LEU A 210 19.39 3.75 7.31
N ALA A 211 18.68 3.12 6.36
CA ALA A 211 18.01 3.90 5.30
C ALA A 211 17.03 4.89 5.92
N TRP A 212 16.30 4.45 6.93
CA TRP A 212 15.34 5.30 7.66
C TRP A 212 16.04 6.46 8.37
N LEU A 213 17.21 6.23 8.95
CA LEU A 213 17.97 7.33 9.57
C LEU A 213 18.40 8.31 8.49
N TYR A 214 18.78 7.81 7.31
CA TYR A 214 19.11 8.73 6.22
C TYR A 214 17.90 9.55 5.80
N ALA A 215 16.72 8.92 5.75
CA ALA A 215 15.49 9.63 5.44
C ALA A 215 15.23 10.73 6.45
N ALA A 216 15.45 10.43 7.73
CA ALA A 216 15.32 11.46 8.77
C ALA A 216 16.26 12.63 8.49
N VAL A 217 17.53 12.34 8.18
CA VAL A 217 18.50 13.41 7.91
C VAL A 217 18.06 14.26 6.74
N ILE A 218 17.60 13.63 5.65
CA ILE A 218 17.16 14.36 4.45
C ILE A 218 16.08 15.37 4.83
N ASN A 219 15.24 15.01 5.79
CA ASN A 219 14.13 15.82 6.23
C ASN A 219 14.48 16.79 7.35
N GLY A 220 15.75 16.90 7.73
CA GLY A 220 16.16 17.89 8.71
C GLY A 220 16.19 17.38 10.14
N ASP A 221 15.89 16.11 10.37
CA ASP A 221 15.83 15.56 11.71
C ASP A 221 17.12 14.79 11.94
N ARG A 222 18.09 15.43 12.62
CA ARG A 222 19.45 14.91 12.61
C ARG A 222 20.12 14.94 13.98
N TRP A 223 19.34 14.95 15.06
CA TRP A 223 19.93 15.08 16.39
C TRP A 223 20.85 13.92 16.73
N PHE A 224 20.64 12.76 16.13
CA PHE A 224 21.36 11.54 16.47
C PHE A 224 22.70 11.43 15.78
N LEU A 225 23.02 12.31 14.84
CA LEU A 225 24.34 12.25 14.23
C LEU A 225 25.37 12.58 15.29
N ASN A 226 26.19 11.61 15.66
CA ASN A 226 27.19 11.81 16.67
C ASN A 226 28.54 12.05 16.00
N ARG A 227 29.58 12.20 16.80
CA ARG A 227 30.92 12.49 16.31
C ARG A 227 31.79 11.25 16.15
N PHE A 228 31.22 10.05 16.26
CA PHE A 228 31.98 8.80 16.24
C PHE A 228 31.98 8.17 14.84
N THR A 229 32.94 7.28 14.61
CA THR A 229 32.83 6.32 13.53
C THR A 229 33.09 4.93 14.10
N THR A 230 32.96 3.91 13.27
CA THR A 230 33.21 2.56 13.71
C THR A 230 33.71 1.78 12.51
N THR A 231 34.24 0.59 12.77
CA THR A 231 34.49 -0.31 11.66
C THR A 231 33.27 -1.19 11.43
N LEU A 232 33.20 -1.76 10.24
CA LEU A 232 32.06 -2.59 9.88
C LEU A 232 32.02 -3.84 10.75
N ASN A 233 33.19 -4.42 11.02
CA ASN A 233 33.23 -5.64 11.84
C ASN A 233 32.85 -5.34 13.28
N ASP A 234 33.43 -4.27 13.87
CA ASP A 234 33.02 -3.85 15.21
C ASP A 234 31.52 -3.66 15.26
N PHE A 235 30.95 -2.97 14.27
CA PHE A 235 29.52 -2.74 14.33
C PHE A 235 28.72 -4.04 14.28
N ASN A 236 29.07 -4.93 13.36
CA ASN A 236 28.33 -6.17 13.19
C ASN A 236 28.34 -6.99 14.48
N LEU A 237 29.47 -7.04 15.16
CA LEU A 237 29.54 -7.79 16.41
C LEU A 237 28.63 -7.19 17.48
N VAL A 238 28.59 -5.85 17.58
CA VAL A 238 27.69 -5.19 18.52
C VAL A 238 26.23 -5.40 18.11
N ALA A 239 25.93 -5.17 16.83
CA ALA A 239 24.55 -5.23 16.37
C ALA A 239 23.93 -6.57 16.72
N MET A 240 24.70 -7.64 16.60
CA MET A 240 24.15 -8.96 16.83
C MET A 240 23.74 -9.14 18.29
N LYS A 241 24.41 -8.41 19.20
CA LYS A 241 24.02 -8.47 20.61
C LYS A 241 22.71 -7.79 20.89
N TYR A 242 22.21 -6.96 19.98
CA TYR A 242 20.90 -6.30 20.10
C TYR A 242 19.87 -6.90 19.14
N ASN A 243 20.14 -8.09 18.60
CA ASN A 243 19.23 -8.80 17.68
C ASN A 243 19.01 -8.04 16.38
N TYR A 244 20.05 -7.33 15.94
CA TYR A 244 20.08 -6.70 14.63
C TYR A 244 20.91 -7.56 13.67
N GLU A 245 20.52 -7.57 12.41
CA GLU A 245 21.26 -8.33 11.42
C GLU A 245 22.62 -7.72 11.14
N PRO A 246 23.64 -8.52 10.87
CA PRO A 246 24.90 -7.94 10.45
C PRO A 246 24.78 -7.36 9.04
N LEU A 247 25.59 -6.37 8.76
CA LEU A 247 25.63 -5.79 7.41
C LEU A 247 26.54 -6.60 6.50
N THR A 248 26.15 -6.72 5.25
CA THR A 248 27.01 -7.26 4.20
C THR A 248 27.63 -6.13 3.38
N GLN A 249 28.59 -6.51 2.52
CA GLN A 249 29.17 -5.53 1.62
C GLN A 249 28.11 -4.98 0.68
N ASP A 250 27.19 -5.83 0.22
CA ASP A 250 26.09 -5.38 -0.63
C ASP A 250 25.25 -4.32 0.08
N HIS A 251 25.02 -4.48 1.39
CA HIS A 251 24.24 -3.51 2.14
C HIS A 251 24.97 -2.18 2.19
N VAL A 252 26.27 -2.21 2.40
CA VAL A 252 27.04 -0.98 2.41
C VAL A 252 26.91 -0.29 1.07
N ASP A 253 26.93 -1.06 -0.01
CA ASP A 253 26.88 -0.44 -1.33
C ASP A 253 25.50 0.15 -1.63
N ILE A 254 24.43 -0.50 -1.19
CA ILE A 254 23.11 0.03 -1.51
C ILE A 254 22.80 1.27 -0.71
N LEU A 255 23.55 1.55 0.36
CA LEU A 255 23.42 2.80 1.09
C LEU A 255 24.20 3.92 0.44
N GLY A 256 25.00 3.63 -0.60
CA GLY A 256 25.82 4.61 -1.27
C GLY A 256 25.11 5.89 -1.66
N PRO A 257 24.02 5.76 -2.44
CA PRO A 257 23.30 6.96 -2.88
C PRO A 257 22.83 7.84 -1.74
N LEU A 258 22.25 7.26 -0.68
CA LEU A 258 21.79 8.09 0.45
C LEU A 258 22.97 8.72 1.18
N SER A 259 24.08 7.99 1.28
CA SER A 259 25.28 8.55 1.87
C SER A 259 25.79 9.74 1.05
N ALA A 260 25.79 9.60 -0.26
CA ALA A 260 26.22 10.69 -1.14
C ALA A 260 25.28 11.88 -1.02
N GLN A 261 23.97 11.63 -0.96
CA GLN A 261 22.97 12.71 -0.91
C GLN A 261 23.10 13.53 0.36
N THR A 262 23.38 12.86 1.48
CA THR A 262 23.47 13.53 2.76
C THR A 262 24.89 13.92 3.15
N GLY A 263 25.90 13.38 2.49
CA GLY A 263 27.25 13.56 2.97
C GLY A 263 27.62 12.87 4.27
N ILE A 264 26.82 11.91 4.74
CA ILE A 264 27.08 11.16 5.97
C ILE A 264 27.58 9.78 5.54
N ALA A 265 28.85 9.49 5.87
CA ALA A 265 29.47 8.20 5.61
C ALA A 265 28.64 7.06 6.20
N VAL A 266 28.56 5.94 5.47
CA VAL A 266 27.83 4.79 6.01
C VAL A 266 28.33 4.40 7.39
N LEU A 267 29.66 4.36 7.60
CA LEU A 267 30.21 3.93 8.89
C LEU A 267 29.94 4.94 10.00
N ASP A 268 29.84 6.23 9.66
CA ASP A 268 29.43 7.22 10.66
C ASP A 268 27.99 7.00 11.05
N MET A 269 27.12 6.69 10.06
CA MET A 269 25.74 6.41 10.40
C MET A 269 25.63 5.16 11.27
N CYS A 270 26.43 4.13 10.97
CA CYS A 270 26.47 2.95 11.84
C CYS A 270 26.85 3.31 13.26
N ALA A 271 27.84 4.18 13.43
CA ALA A 271 28.21 4.61 14.78
C ALA A 271 27.06 5.33 15.46
N SER A 272 26.32 6.17 14.71
CA SER A 272 25.12 6.77 15.27
C SER A 272 24.07 5.74 15.69
N LEU A 273 23.81 4.74 14.86
CA LEU A 273 22.83 3.73 15.25
C LEU A 273 23.31 2.98 16.49
N LYS A 274 24.61 2.70 16.55
CA LYS A 274 25.15 1.97 17.69
C LYS A 274 24.87 2.72 18.99
N GLU A 275 24.99 4.06 18.98
CA GLU A 275 24.64 4.82 20.17
C GLU A 275 23.17 4.70 20.50
N LEU A 276 22.31 4.72 19.49
CA LEU A 276 20.88 4.56 19.74
C LEU A 276 20.59 3.20 20.37
N LEU A 277 21.31 2.17 19.92
CA LEU A 277 21.12 0.83 20.50
C LEU A 277 21.64 0.77 21.95
N GLN A 278 22.82 1.34 22.20
CA GLN A 278 23.44 1.23 23.52
C GLN A 278 22.77 2.15 24.54
N ASN A 279 22.27 3.31 24.12
CA ASN A 279 21.79 4.34 25.05
C ASN A 279 20.31 4.64 24.96
N GLY A 280 19.59 4.09 23.99
CA GLY A 280 18.19 4.42 23.84
C GLY A 280 18.02 5.78 23.20
N MET A 281 16.76 6.18 23.08
CA MET A 281 16.44 7.46 22.47
C MET A 281 16.39 8.62 23.46
N ASN A 282 16.51 8.35 24.77
CA ASN A 282 16.52 9.40 25.77
C ASN A 282 15.26 10.27 25.68
N GLY A 283 14.14 9.63 25.35
CA GLY A 283 12.87 10.32 25.21
C GLY A 283 12.68 11.09 23.93
N ARG A 284 13.73 11.30 23.14
CA ARG A 284 13.59 12.02 21.89
C ARG A 284 12.87 11.15 20.86
N THR A 285 12.68 11.71 19.68
CA THR A 285 11.97 11.05 18.60
C THR A 285 12.73 11.26 17.29
N ILE A 286 12.53 10.34 16.34
CA ILE A 286 13.09 10.43 14.98
C ILE A 286 11.94 10.28 14.00
N LEU A 287 11.76 11.28 13.14
CA LEU A 287 10.63 11.31 12.21
C LEU A 287 9.31 11.10 12.93
N GLY A 288 9.20 11.60 14.16
CA GLY A 288 7.95 11.56 14.89
C GLY A 288 7.59 10.18 15.39
N SER A 289 8.54 9.54 16.08
CA SER A 289 8.35 8.16 16.51
C SER A 289 9.49 7.78 17.44
N ALA A 290 9.17 7.07 18.52
CA ALA A 290 10.19 6.51 19.39
C ALA A 290 10.64 5.13 18.94
N LEU A 291 10.08 4.63 17.83
CA LEU A 291 10.42 3.32 17.28
C LEU A 291 11.23 3.52 16.01
N LEU A 292 12.29 2.74 15.85
CA LEU A 292 13.00 2.72 14.58
C LEU A 292 12.26 1.81 13.63
N GLU A 293 12.20 2.20 12.36
CA GLU A 293 11.43 1.45 11.36
C GLU A 293 12.40 0.64 10.50
N ASP A 294 12.08 -0.64 10.24
CA ASP A 294 12.99 -1.47 9.45
C ASP A 294 12.38 -2.07 8.19
N GLU A 295 11.28 -1.52 7.69
CA GLU A 295 10.68 -2.07 6.47
C GLU A 295 10.72 -1.12 5.28
N PHE A 296 11.56 -0.08 5.33
CA PHE A 296 11.78 0.79 4.19
C PHE A 296 13.22 0.60 3.73
N THR A 297 13.38 0.11 2.50
CA THR A 297 14.72 -0.10 1.97
C THR A 297 15.31 1.23 1.49
N PRO A 298 16.61 1.26 1.22
CA PRO A 298 17.20 2.45 0.60
C PRO A 298 16.51 2.87 -0.69
N PHE A 299 16.04 1.90 -1.49
CA PHE A 299 15.31 2.28 -2.70
C PHE A 299 13.95 2.90 -2.36
N ASP A 300 13.25 2.32 -1.37
CA ASP A 300 12.00 2.90 -0.94
C ASP A 300 12.18 4.36 -0.49
N VAL A 301 13.28 4.66 0.22
CA VAL A 301 13.52 6.03 0.67
C VAL A 301 13.70 6.95 -0.53
N VAL A 302 14.58 6.58 -1.45
CA VAL A 302 14.79 7.36 -2.66
C VAL A 302 13.49 7.52 -3.45
N ARG A 303 12.75 6.42 -3.61
CA ARG A 303 11.46 6.42 -4.31
C ARG A 303 10.46 7.38 -3.67
N GLN A 304 10.66 7.77 -2.40
CA GLN A 304 9.71 8.63 -1.69
C GLN A 304 10.26 10.00 -1.30
N CYS A 305 11.53 10.09 -0.93
CA CYS A 305 12.09 11.35 -0.45
C CYS A 305 12.40 12.28 -1.60
N SER A 306 13.24 11.80 -2.52
CA SER A 306 13.26 12.35 -3.87
C SER A 306 12.14 11.64 -4.63
N GLY A 307 12.11 11.77 -5.94
CA GLY A 307 11.07 11.07 -6.67
C GLY A 307 11.04 11.47 -8.12
N PHE B 8 -3.57 -8.81 9.25
CA PHE B 8 -4.19 -7.47 9.25
C PHE B 8 -3.30 -6.26 8.89
N ARG B 9 -3.62 -5.57 7.81
CA ARG B 9 -2.92 -4.31 7.59
C ARG B 9 -3.52 -3.49 6.44
N LYS B 10 -2.91 -2.34 6.21
CA LYS B 10 -3.49 -1.33 5.33
C LYS B 10 -3.33 -1.81 3.90
N MET B 11 -4.45 -1.91 3.20
CA MET B 11 -4.48 -2.55 1.91
C MET B 11 -5.24 -1.63 0.98
N ALA B 12 -4.69 -1.39 -0.22
CA ALA B 12 -5.33 -0.55 -1.21
C ALA B 12 -6.05 -1.44 -2.22
N PHE B 13 -7.00 -0.86 -2.95
CA PHE B 13 -7.63 -1.60 -4.02
C PHE B 13 -6.66 -1.76 -5.18
N PRO B 14 -6.80 -2.83 -5.95
CA PRO B 14 -6.00 -2.98 -7.16
C PRO B 14 -6.26 -1.79 -8.07
N SER B 15 -5.19 -1.25 -8.62
CA SER B 15 -5.23 0.04 -9.31
C SER B 15 -5.40 -0.06 -10.82
N GLY B 16 -5.39 -1.26 -11.40
CA GLY B 16 -5.37 -1.35 -12.86
C GLY B 16 -6.49 -0.60 -13.58
N LYS B 17 -7.72 -0.68 -13.05
CA LYS B 17 -8.83 0.01 -13.73
C LYS B 17 -8.61 1.51 -13.79
N VAL B 18 -7.92 2.07 -12.81
CA VAL B 18 -7.63 3.50 -12.79
C VAL B 18 -6.41 3.82 -13.64
N GLU B 19 -5.36 2.97 -13.60
CA GLU B 19 -4.16 3.23 -14.39
C GLU B 19 -4.50 3.49 -15.86
N GLY B 20 -5.45 2.71 -16.40
CA GLY B 20 -5.85 2.83 -17.81
C GLY B 20 -6.56 4.10 -18.13
N CYS B 21 -6.72 4.98 -17.15
CA CYS B 21 -7.40 6.25 -17.31
C CYS B 21 -6.48 7.43 -17.16
N MET B 22 -5.25 7.24 -16.71
CA MET B 22 -4.41 8.39 -16.42
C MET B 22 -3.75 8.91 -17.69
N VAL B 23 -3.76 10.24 -17.84
CA VAL B 23 -3.06 10.92 -18.92
C VAL B 23 -2.31 12.13 -18.36
N GLN B 24 -1.53 12.77 -19.23
CA GLN B 24 -0.76 13.96 -18.88
C GLN B 24 -1.41 15.14 -19.59
N VAL B 25 -1.56 16.26 -18.87
CA VAL B 25 -2.11 17.50 -19.41
C VAL B 25 -1.08 18.60 -19.23
N THR B 26 -0.83 19.37 -20.30
CA THR B 26 0.16 20.43 -20.26
C THR B 26 -0.46 21.70 -20.81
N CYS B 27 -0.16 22.80 -20.13
CA CYS B 27 -0.51 24.14 -20.59
C CYS B 27 0.70 25.01 -20.29
N GLY B 28 1.33 25.52 -21.35
CA GLY B 28 2.55 26.28 -21.14
C GLY B 28 3.64 25.41 -20.54
N THR B 29 4.24 25.90 -19.45
CA THR B 29 5.25 25.13 -18.72
C THR B 29 4.66 24.41 -17.51
N THR B 30 3.34 24.29 -17.41
CA THR B 30 2.69 23.62 -16.27
C THR B 30 2.17 22.26 -16.72
N THR B 31 2.61 21.20 -16.05
CA THR B 31 2.18 19.84 -16.37
C THR B 31 1.60 19.17 -15.14
N LEU B 32 0.51 18.43 -15.33
CA LEU B 32 -0.03 17.58 -14.27
C LEU B 32 -0.78 16.40 -14.91
N ASN B 33 -1.47 15.62 -14.09
CA ASN B 33 -2.17 14.45 -14.55
C ASN B 33 -3.65 14.76 -14.76
N GLY B 34 -4.24 14.06 -15.74
CA GLY B 34 -5.68 14.05 -15.92
C GLY B 34 -6.26 12.65 -15.90
N LEU B 35 -7.58 12.59 -15.73
CA LEU B 35 -8.36 11.38 -15.68
C LEU B 35 -9.26 11.34 -16.91
N TRP B 36 -9.07 10.31 -17.75
CA TRP B 36 -9.69 10.22 -19.10
C TRP B 36 -10.79 9.18 -18.99
N LEU B 37 -12.04 9.63 -18.99
CA LEU B 37 -13.20 8.77 -18.93
C LEU B 37 -14.05 9.10 -20.15
N ASP B 38 -14.32 8.08 -20.98
CA ASP B 38 -15.06 8.26 -22.24
C ASP B 38 -14.34 9.33 -23.04
N ASP B 39 -14.98 10.42 -23.46
CA ASP B 39 -14.27 11.39 -24.28
C ASP B 39 -13.94 12.67 -23.52
N VAL B 40 -13.75 12.59 -22.18
CA VAL B 40 -13.53 13.76 -21.37
C VAL B 40 -12.31 13.49 -20.49
N VAL B 41 -11.43 14.48 -20.37
CA VAL B 41 -10.30 14.43 -19.45
C VAL B 41 -10.57 15.46 -18.36
N TYR B 42 -10.50 15.02 -17.09
CA TYR B 42 -10.72 15.86 -15.93
C TYR B 42 -9.38 16.14 -15.29
N CYS B 43 -9.13 17.37 -14.89
CA CYS B 43 -7.84 17.71 -14.30
C CYS B 43 -7.98 18.99 -13.48
N PRO B 44 -7.06 19.27 -12.59
CA PRO B 44 -7.17 20.48 -11.75
C PRO B 44 -7.08 21.70 -12.65
N ARG B 45 -7.89 22.71 -12.36
CA ARG B 45 -7.91 23.87 -13.26
C ARG B 45 -6.63 24.70 -13.20
N HIS B 46 -5.84 24.61 -12.12
CA HIS B 46 -4.63 25.42 -12.02
C HIS B 46 -3.57 25.05 -13.06
N VAL B 47 -3.81 24.01 -13.86
CA VAL B 47 -2.92 23.72 -14.98
C VAL B 47 -2.84 24.92 -15.91
N ILE B 48 -3.87 25.77 -15.90
CA ILE B 48 -3.85 26.92 -16.80
C ILE B 48 -3.04 28.09 -16.30
N CYS B 49 -2.49 28.02 -15.09
CA CYS B 49 -1.78 29.14 -14.49
C CYS B 49 -0.29 29.10 -14.78
N THR B 50 0.29 30.25 -15.09
CA THR B 50 1.73 30.34 -14.91
C THR B 50 2.05 30.41 -13.42
N SER B 51 3.35 30.32 -13.10
CA SER B 51 3.73 30.40 -11.69
C SER B 51 3.34 31.74 -11.09
N GLU B 52 3.33 32.80 -11.90
CA GLU B 52 2.88 34.10 -11.43
C GLU B 52 1.36 34.14 -11.31
N ASP B 53 0.65 33.49 -12.23
CA ASP B 53 -0.81 33.43 -12.14
C ASP B 53 -1.25 32.77 -10.84
N MET B 54 -0.53 31.73 -10.41
CA MET B 54 -0.93 30.98 -9.22
C MET B 54 -0.96 31.83 -7.97
N LEU B 55 -0.23 32.94 -7.95
CA LEU B 55 -0.13 33.74 -6.73
C LEU B 55 -1.48 34.36 -6.36
N ASN B 56 -2.32 34.66 -7.35
CA ASN B 56 -3.68 35.15 -7.14
C ASN B 56 -4.49 35.07 -8.43
N PRO B 57 -5.01 33.89 -8.76
CA PRO B 57 -5.64 33.68 -10.06
C PRO B 57 -7.11 34.09 -10.11
N ASN B 58 -7.49 34.80 -11.17
CA ASN B 58 -8.90 34.93 -11.55
C ASN B 58 -9.16 33.87 -12.61
N TYR B 59 -9.73 32.74 -12.19
CA TYR B 59 -9.78 31.61 -13.10
C TYR B 59 -10.69 31.82 -14.29
N GLU B 60 -11.82 32.51 -14.12
CA GLU B 60 -12.69 32.77 -15.27
C GLU B 60 -11.97 33.64 -16.29
N ASP B 61 -11.19 34.62 -15.81
CA ASP B 61 -10.41 35.47 -16.69
C ASP B 61 -9.32 34.68 -17.40
N LEU B 62 -8.55 33.92 -16.64
CA LEU B 62 -7.48 33.13 -17.25
C LEU B 62 -8.02 32.14 -18.27
N LEU B 63 -9.20 31.57 -18.03
CA LEU B 63 -9.73 30.53 -18.91
C LEU B 63 -10.27 31.09 -20.22
N ILE B 64 -10.87 32.28 -20.17
CA ILE B 64 -11.40 32.86 -21.41
C ILE B 64 -10.26 33.17 -22.35
N ARG B 65 -9.06 33.44 -21.82
CA ARG B 65 -7.87 33.72 -22.59
C ARG B 65 -7.22 32.46 -23.19
N LYS B 66 -7.80 31.28 -23.00
CA LYS B 66 -7.28 30.02 -23.52
C LYS B 66 -8.16 29.49 -24.65
N SER B 67 -7.54 28.80 -25.61
CA SER B 67 -8.31 28.02 -26.57
C SER B 67 -7.92 26.55 -26.45
N ASN B 68 -8.66 25.71 -27.16
CA ASN B 68 -8.39 24.28 -27.18
C ASN B 68 -6.93 23.94 -27.43
N HIS B 69 -6.23 24.71 -28.27
CA HIS B 69 -4.89 24.32 -28.69
C HIS B 69 -3.82 24.66 -27.66
N ASN B 70 -4.14 25.44 -26.63
CA ASN B 70 -3.17 25.65 -25.57
C ASN B 70 -3.07 24.44 -24.65
N PHE B 71 -3.90 23.42 -24.85
CA PHE B 71 -3.95 22.23 -23.98
C PHE B 71 -3.39 21.04 -24.73
N LEU B 72 -2.33 20.46 -24.19
CA LEU B 72 -1.68 19.32 -24.81
C LEU B 72 -1.98 18.14 -23.90
N VAL B 73 -2.76 17.20 -24.40
CA VAL B 73 -3.09 15.99 -23.65
C VAL B 73 -2.33 14.84 -24.29
N GLN B 74 -1.57 14.11 -23.49
CA GLN B 74 -0.83 12.96 -24.00
C GLN B 74 -1.26 11.73 -23.21
N ALA B 75 -1.67 10.69 -23.93
CA ALA B 75 -1.95 9.37 -23.36
C ALA B 75 -0.82 8.45 -23.80
N GLY B 76 0.04 8.07 -22.87
CA GLY B 76 1.31 7.50 -23.30
C GLY B 76 2.04 8.54 -24.12
N ASN B 77 2.52 8.16 -25.29
CA ASN B 77 3.13 9.13 -26.21
C ASN B 77 2.18 9.59 -27.31
N VAL B 78 0.92 9.16 -27.28
CA VAL B 78 -0.07 9.53 -28.28
C VAL B 78 -0.80 10.78 -27.81
N GLN B 79 -0.78 11.84 -28.64
CA GLN B 79 -1.48 13.07 -28.31
C GLN B 79 -2.96 12.91 -28.61
N LEU B 80 -3.81 13.36 -27.69
CA LEU B 80 -5.25 13.42 -27.90
C LEU B 80 -5.62 14.86 -28.22
N ARG B 81 -6.51 15.04 -29.18
CA ARG B 81 -6.88 16.38 -29.62
C ARG B 81 -8.04 16.89 -28.77
N VAL B 82 -7.84 18.07 -28.18
CA VAL B 82 -8.86 18.73 -27.37
C VAL B 82 -9.79 19.48 -28.33
N ILE B 83 -11.08 19.16 -28.25
CA ILE B 83 -12.07 19.78 -29.13
C ILE B 83 -13.16 20.50 -28.33
N GLY B 84 -12.87 20.84 -27.09
CA GLY B 84 -13.88 21.44 -26.23
C GLY B 84 -13.33 21.55 -24.83
N HIS B 85 -13.75 22.56 -24.07
CA HIS B 85 -13.31 22.68 -22.70
C HIS B 85 -14.32 23.50 -21.92
N SER B 86 -14.46 23.15 -20.64
CA SER B 86 -15.28 23.91 -19.72
C SER B 86 -14.66 23.72 -18.34
N MET B 87 -15.11 24.53 -17.41
CA MET B 87 -14.62 24.51 -16.04
C MET B 87 -15.81 24.25 -15.13
N GLN B 88 -15.66 23.30 -14.22
CA GLN B 88 -16.69 22.97 -13.23
C GLN B 88 -16.02 23.14 -11.86
N ASN B 89 -16.32 24.24 -11.18
CA ASN B 89 -15.64 24.54 -9.94
C ASN B 89 -14.13 24.51 -10.11
N CYS B 90 -13.38 23.68 -9.34
CA CYS B 90 -11.93 23.72 -9.48
C CYS B 90 -11.39 22.66 -10.43
N VAL B 91 -12.25 22.04 -11.24
CA VAL B 91 -11.90 21.00 -12.20
C VAL B 91 -12.12 21.52 -13.62
N LEU B 92 -11.18 21.23 -14.48
CA LEU B 92 -11.33 21.53 -15.91
C LEU B 92 -11.74 20.24 -16.60
N LYS B 93 -12.70 20.32 -17.54
CA LYS B 93 -13.15 19.17 -18.29
C LYS B 93 -12.80 19.42 -19.75
N LEU B 94 -11.88 18.61 -20.29
CA LEU B 94 -11.40 18.73 -21.67
C LEU B 94 -12.07 17.65 -22.52
N LYS B 95 -12.85 18.08 -23.53
CA LYS B 95 -13.44 17.11 -24.43
C LYS B 95 -12.39 16.77 -25.49
N VAL B 96 -12.20 15.49 -25.74
CA VAL B 96 -11.20 15.04 -26.68
C VAL B 96 -11.88 14.28 -27.81
N ASP B 97 -11.13 14.12 -28.91
CA ASP B 97 -11.66 13.47 -30.11
C ASP B 97 -11.66 11.95 -30.01
N THR B 98 -11.15 11.36 -28.93
CA THR B 98 -11.11 9.92 -28.81
C THR B 98 -11.75 9.48 -27.50
N ALA B 99 -12.53 8.40 -27.56
CA ALA B 99 -13.04 7.79 -26.34
C ALA B 99 -11.98 6.89 -25.76
N ASN B 100 -11.82 6.95 -24.44
CA ASN B 100 -10.90 6.04 -23.80
C ASN B 100 -11.42 4.61 -23.86
N PRO B 101 -10.77 3.72 -24.60
CA PRO B 101 -11.23 2.33 -24.63
C PRO B 101 -11.25 1.64 -23.27
N LYS B 102 -10.45 2.08 -22.31
CA LYS B 102 -10.33 1.36 -21.04
C LYS B 102 -11.17 1.96 -19.93
N THR B 103 -12.12 2.84 -20.25
CA THR B 103 -12.99 3.43 -19.24
C THR B 103 -13.72 2.35 -18.47
N PRO B 104 -13.58 2.30 -17.16
CA PRO B 104 -14.33 1.32 -16.36
C PRO B 104 -15.74 1.84 -16.16
N LYS B 105 -16.62 0.95 -15.69
CA LYS B 105 -17.84 1.42 -15.06
C LYS B 105 -17.41 2.28 -13.86
N TYR B 106 -18.00 3.48 -13.75
CA TYR B 106 -17.54 4.42 -12.71
C TYR B 106 -18.66 5.29 -12.17
N LYS B 107 -18.40 5.87 -11.00
CA LYS B 107 -19.29 6.86 -10.41
C LYS B 107 -18.40 7.94 -9.80
N PHE B 108 -18.94 9.14 -9.71
CA PHE B 108 -18.33 10.20 -8.92
C PHE B 108 -19.07 10.30 -7.60
N VAL B 109 -18.35 10.25 -6.49
CA VAL B 109 -18.96 10.34 -5.18
C VAL B 109 -18.16 11.31 -4.33
N ARG B 110 -18.85 11.98 -3.41
CA ARG B 110 -18.19 12.81 -2.41
C ARG B 110 -18.16 12.03 -1.12
N ILE B 111 -16.97 11.81 -0.59
CA ILE B 111 -16.84 10.97 0.59
C ILE B 111 -17.03 11.81 1.86
N GLN B 112 -17.35 11.13 2.95
CA GLN B 112 -17.54 11.75 4.23
C GLN B 112 -16.28 11.60 5.09
N PRO B 113 -16.05 12.52 6.01
CA PRO B 113 -14.85 12.40 6.84
C PRO B 113 -14.86 11.09 7.62
N GLY B 114 -13.68 10.51 7.75
CA GLY B 114 -13.51 9.22 8.35
C GLY B 114 -13.50 8.06 7.37
N GLN B 115 -14.02 8.24 6.16
CA GLN B 115 -14.04 7.21 5.15
C GLN B 115 -12.67 7.13 4.48
N THR B 116 -12.36 5.94 3.98
CA THR B 116 -11.07 5.68 3.35
C THR B 116 -11.20 5.53 1.84
N PHE B 117 -10.04 5.68 1.17
CA PHE B 117 -9.98 5.45 -0.26
C PHE B 117 -8.54 5.13 -0.64
N SER B 118 -8.39 4.56 -1.83
CA SER B 118 -7.04 4.33 -2.34
C SER B 118 -6.67 5.49 -3.25
N VAL B 119 -5.39 5.83 -3.22
CA VAL B 119 -4.82 6.90 -4.05
C VAL B 119 -3.86 6.25 -5.03
N LEU B 120 -3.96 6.60 -6.30
CA LEU B 120 -2.98 6.17 -7.28
C LEU B 120 -2.16 7.42 -7.57
N ALA B 121 -0.99 7.53 -6.95
CA ALA B 121 -0.12 8.65 -7.21
C ALA B 121 0.51 8.52 -8.60
N CYS B 122 0.48 9.61 -9.38
CA CYS B 122 0.96 9.62 -10.74
C CYS B 122 1.81 10.86 -10.98
N TYR B 123 2.77 10.72 -11.88
CA TYR B 123 3.63 11.83 -12.34
C TYR B 123 3.70 11.76 -13.85
N ASN B 124 3.51 12.90 -14.52
CA ASN B 124 3.61 12.95 -15.98
C ASN B 124 2.69 11.93 -16.67
N GLY B 125 1.50 11.73 -16.10
CA GLY B 125 0.52 10.81 -16.64
C GLY B 125 0.81 9.34 -16.39
N SER B 126 1.87 9.01 -15.64
CA SER B 126 2.24 7.60 -15.42
C SER B 126 2.05 7.23 -13.95
N PRO B 127 1.38 6.11 -13.67
CA PRO B 127 1.18 5.69 -12.28
C PRO B 127 2.50 5.33 -11.59
N SER B 128 2.63 5.76 -10.34
CA SER B 128 3.83 5.64 -9.54
C SER B 128 3.66 4.77 -8.30
N GLY B 129 2.54 4.89 -7.58
CA GLY B 129 2.39 4.15 -6.34
C GLY B 129 0.94 4.13 -5.93
N VAL B 130 0.58 3.19 -5.07
CA VAL B 130 -0.79 3.07 -4.60
C VAL B 130 -0.79 2.89 -3.08
N TYR B 131 -1.70 3.58 -2.42
CA TYR B 131 -1.82 3.51 -0.97
C TYR B 131 -3.19 3.98 -0.50
N GLN B 132 -3.55 3.62 0.74
CA GLN B 132 -4.82 4.00 1.37
C GLN B 132 -4.65 5.31 2.15
N CYS B 133 -5.68 6.16 2.10
CA CYS B 133 -5.77 7.40 2.86
C CYS B 133 -7.13 7.45 3.52
N ALA B 134 -7.25 8.21 4.61
CA ALA B 134 -8.58 8.54 5.11
C ALA B 134 -8.82 10.04 4.95
N MET B 135 -10.06 10.39 4.66
CA MET B 135 -10.47 11.80 4.75
C MET B 135 -10.51 12.18 6.22
N ARG B 136 -9.63 13.05 6.67
CA ARG B 136 -9.59 13.43 8.10
C ARG B 136 -10.81 14.30 8.44
N PRO B 137 -11.15 14.43 9.73
CA PRO B 137 -12.28 15.29 10.11
C PRO B 137 -12.08 16.73 9.69
N ASN B 138 -10.83 17.19 9.60
CA ASN B 138 -10.52 18.55 9.15
C ASN B 138 -10.32 18.63 7.63
N PHE B 139 -10.66 17.55 6.93
CA PHE B 139 -10.76 17.51 5.47
C PHE B 139 -9.40 17.59 4.79
N THR B 140 -8.38 17.16 5.48
CA THR B 140 -7.08 16.95 4.88
C THR B 140 -6.84 15.46 4.78
N ILE B 141 -5.85 15.10 4.00
CA ILE B 141 -5.42 13.71 3.94
C ILE B 141 -3.92 13.68 4.15
N LYS B 142 -3.45 12.60 4.73
CA LYS B 142 -2.03 12.44 4.96
C LYS B 142 -1.57 11.50 3.85
N GLY B 143 -1.11 12.09 2.77
CA GLY B 143 -0.68 11.34 1.64
C GLY B 143 0.79 11.52 1.41
N SER B 144 1.21 11.09 0.24
CA SER B 144 2.59 11.11 -0.21
C SER B 144 2.47 11.60 -1.65
N PHE B 145 2.64 12.91 -1.84
CA PHE B 145 2.51 13.58 -3.11
C PHE B 145 3.67 14.58 -3.25
N LEU B 146 4.29 14.57 -4.40
CA LEU B 146 5.41 15.42 -4.72
C LEU B 146 5.03 16.37 -5.85
N ASN B 147 5.97 17.23 -6.24
CA ASN B 147 5.73 18.09 -7.37
C ASN B 147 5.31 17.25 -8.57
N GLY B 148 4.24 17.70 -9.24
CA GLY B 148 3.77 17.05 -10.42
C GLY B 148 2.73 15.97 -10.18
N SER B 149 2.29 15.80 -8.95
CA SER B 149 1.30 14.77 -8.63
C SER B 149 -0.14 15.24 -8.78
N CYS B 150 -0.38 16.53 -9.02
CA CYS B 150 -1.74 17.02 -9.08
C CYS B 150 -2.53 16.29 -10.18
N GLY B 151 -3.82 16.09 -9.93
CA GLY B 151 -4.62 15.30 -10.82
C GLY B 151 -4.59 13.81 -10.54
N SER B 152 -3.69 13.34 -9.68
CA SER B 152 -3.83 11.97 -9.16
C SER B 152 -5.17 11.86 -8.43
N VAL B 153 -5.77 10.67 -8.49
CA VAL B 153 -7.13 10.48 -7.97
C VAL B 153 -7.16 9.45 -6.82
N GLY B 154 -8.19 9.61 -5.99
CA GLY B 154 -8.54 8.61 -4.98
C GLY B 154 -9.85 7.91 -5.34
N PHE B 155 -9.97 6.65 -4.92
CA PHE B 155 -11.10 5.88 -5.40
C PHE B 155 -11.33 4.70 -4.50
N ASN B 156 -12.53 4.13 -4.66
CA ASN B 156 -12.86 2.84 -4.08
C ASN B 156 -13.43 1.98 -5.19
N ILE B 157 -13.34 0.65 -5.03
CA ILE B 157 -13.87 -0.25 -6.05
C ILE B 157 -14.87 -1.21 -5.42
N ASP B 158 -16.03 -1.35 -6.07
CA ASP B 158 -17.11 -2.21 -5.61
C ASP B 158 -17.61 -2.96 -6.84
N TYR B 159 -17.38 -4.27 -6.89
CA TYR B 159 -17.87 -5.11 -7.97
C TYR B 159 -17.64 -4.46 -9.34
N ASP B 160 -16.36 -4.33 -9.66
CA ASP B 160 -15.91 -3.78 -10.95
C ASP B 160 -16.33 -2.32 -11.18
N CYS B 161 -16.96 -1.65 -10.21
CA CYS B 161 -17.33 -0.25 -10.37
C CYS B 161 -16.36 0.61 -9.57
N VAL B 162 -15.74 1.59 -10.23
CA VAL B 162 -14.79 2.50 -9.59
C VAL B 162 -15.56 3.75 -9.16
N SER B 163 -15.56 4.06 -7.88
CA SER B 163 -16.16 5.30 -7.38
C SER B 163 -15.03 6.27 -7.09
N PHE B 164 -14.89 7.29 -7.94
CA PHE B 164 -13.84 8.30 -7.77
C PHE B 164 -14.31 9.33 -6.77
N CYS B 165 -13.47 9.63 -5.79
CA CYS B 165 -13.86 10.53 -4.73
C CYS B 165 -12.89 11.69 -4.48
N TYR B 166 -11.70 11.68 -5.09
CA TYR B 166 -10.71 12.69 -4.70
C TYR B 166 -9.82 12.95 -5.91
N MET B 167 -9.51 14.22 -6.13
CA MET B 167 -8.50 14.61 -7.11
C MET B 167 -7.53 15.54 -6.37
N HIS B 168 -6.23 15.32 -6.55
CA HIS B 168 -5.24 16.02 -5.73
C HIS B 168 -4.92 17.41 -6.28
N HIS B 169 -4.87 18.42 -5.39
CA HIS B 169 -4.52 19.80 -5.79
C HIS B 169 -3.37 20.44 -5.05
N MET B 170 -3.10 20.09 -3.78
CA MET B 170 -2.20 20.97 -3.01
C MET B 170 -1.62 20.29 -1.77
N GLU B 171 -0.52 20.86 -1.29
CA GLU B 171 0.10 20.46 -0.02
C GLU B 171 0.16 21.68 0.89
N LEU B 172 -0.35 21.53 2.11
CA LEU B 172 -0.40 22.61 3.09
C LEU B 172 0.96 22.74 3.77
N PRO B 173 1.17 23.82 4.54
CA PRO B 173 2.50 24.01 5.18
C PRO B 173 2.88 22.89 6.15
N THR B 174 1.91 22.24 6.76
CA THR B 174 2.18 21.15 7.69
C THR B 174 2.53 19.84 7.01
N GLY B 175 2.50 19.78 5.69
CA GLY B 175 2.82 18.56 4.99
C GLY B 175 1.61 17.71 4.61
N VAL B 176 0.40 18.07 5.08
CA VAL B 176 -0.79 17.29 4.74
C VAL B 176 -1.30 17.81 3.39
N HIS B 177 -2.30 17.14 2.84
CA HIS B 177 -2.70 17.34 1.44
C HIS B 177 -4.18 17.65 1.36
N ALA B 178 -4.56 18.39 0.29
CA ALA B 178 -5.93 18.85 0.13
C ALA B 178 -6.29 18.79 -1.35
N GLY B 179 -7.56 18.56 -1.59
CA GLY B 179 -8.02 18.43 -2.96
C GLY B 179 -9.52 18.44 -3.02
N THR B 180 -10.05 18.02 -4.16
CA THR B 180 -11.45 18.18 -4.46
C THR B 180 -12.10 16.84 -4.76
N ASP B 181 -13.43 16.87 -4.75
CA ASP B 181 -14.20 15.83 -5.43
C ASP B 181 -14.11 16.01 -6.95
N LEU B 182 -14.74 15.08 -7.67
CA LEU B 182 -14.65 15.09 -9.12
C LEU B 182 -15.63 16.07 -9.73
N GLU B 183 -16.41 16.75 -8.89
CA GLU B 183 -17.17 17.92 -9.33
C GLU B 183 -16.39 19.22 -9.10
N GLY B 184 -15.16 19.13 -8.61
CA GLY B 184 -14.31 20.27 -8.42
C GLY B 184 -14.53 21.05 -7.14
N ASN B 185 -15.30 20.52 -6.20
CA ASN B 185 -15.49 21.20 -4.92
C ASN B 185 -14.46 20.72 -3.90
N PHE B 186 -13.74 21.65 -3.27
CA PHE B 186 -12.77 21.19 -2.29
C PHE B 186 -13.43 20.47 -1.13
N TYR B 187 -12.71 19.49 -0.59
CA TYR B 187 -12.91 19.10 0.79
C TYR B 187 -12.17 20.13 1.65
N GLY B 188 -12.88 20.76 2.59
CA GLY B 188 -12.27 21.68 3.52
C GLY B 188 -12.26 23.12 3.03
N PRO B 189 -11.81 24.01 3.87
CA PRO B 189 -11.95 25.45 3.61
C PRO B 189 -10.80 25.98 2.78
N PHE B 190 -10.37 25.21 1.80
CA PHE B 190 -9.16 25.55 1.06
C PHE B 190 -9.51 26.18 -0.28
N VAL B 191 -8.52 26.83 -0.88
CA VAL B 191 -8.66 27.44 -2.20
C VAL B 191 -7.41 27.14 -3.02
N ASP B 192 -7.61 26.97 -4.33
CA ASP B 192 -6.53 26.68 -5.28
C ASP B 192 -5.79 27.96 -5.68
N ARG B 193 -5.05 28.49 -4.71
CA ARG B 193 -4.15 29.62 -4.83
C ARG B 193 -2.85 29.28 -4.10
N GLN B 194 -1.73 29.79 -4.65
CA GLN B 194 -0.41 29.59 -4.06
C GLN B 194 -0.26 30.56 -2.89
N THR B 195 -0.85 30.18 -1.77
CA THR B 195 -0.77 30.95 -0.54
C THR B 195 -0.82 30.00 0.67
N ALA B 196 -0.21 30.41 1.76
CA ALA B 196 -0.16 29.54 2.93
C ALA B 196 -1.54 29.43 3.56
N GLN B 197 -1.99 28.19 3.77
CA GLN B 197 -3.32 27.93 4.28
C GLN B 197 -3.23 26.89 5.36
N ALA B 198 -3.85 27.16 6.50
CA ALA B 198 -3.94 26.24 7.61
C ALA B 198 -5.30 25.52 7.57
N ALA B 199 -5.31 24.34 8.16
CA ALA B 199 -6.53 23.57 8.31
C ALA B 199 -7.09 23.80 9.71
N GLY B 200 -8.36 23.46 9.86
CA GLY B 200 -8.96 23.41 11.18
C GLY B 200 -8.25 22.41 12.06
N THR B 201 -8.54 22.51 13.36
CA THR B 201 -7.92 21.61 14.31
C THR B 201 -8.32 20.19 13.98
N ASP B 202 -7.35 19.30 13.91
CA ASP B 202 -7.75 17.96 13.57
C ASP B 202 -8.23 17.23 14.81
N THR B 203 -9.08 16.25 14.58
CA THR B 203 -9.60 15.38 15.62
C THR B 203 -9.45 13.94 15.17
N THR B 204 -9.58 13.02 16.11
CA THR B 204 -9.37 11.60 15.84
C THR B 204 -10.68 10.87 15.53
N ILE B 205 -10.66 9.97 14.53
CA ILE B 205 -11.89 9.30 14.06
C ILE B 205 -12.19 8.13 15.00
N THR B 206 -13.09 8.37 15.98
CA THR B 206 -13.31 7.43 17.09
C THR B 206 -13.79 6.07 16.61
N VAL B 207 -14.78 6.04 15.72
CA VAL B 207 -15.31 4.76 15.26
C VAL B 207 -14.22 3.93 14.61
N ASN B 208 -13.26 4.57 13.94
CA ASN B 208 -12.14 3.85 13.33
C ASN B 208 -11.17 3.32 14.38
N VAL B 209 -10.88 4.11 15.43
CA VAL B 209 -10.00 3.59 16.50
C VAL B 209 -10.61 2.36 17.11
N LEU B 210 -11.91 2.38 17.36
CA LEU B 210 -12.56 1.22 17.94
C LEU B 210 -12.45 0.01 17.01
N ALA B 211 -12.67 0.21 15.72
CA ALA B 211 -12.52 -0.88 14.76
C ALA B 211 -11.12 -1.47 14.84
N TRP B 212 -10.12 -0.61 14.92
CA TRP B 212 -8.74 -1.08 14.98
C TRP B 212 -8.44 -1.80 16.29
N LEU B 213 -8.98 -1.31 17.41
CA LEU B 213 -8.80 -2.06 18.65
C LEU B 213 -9.45 -3.43 18.56
N TYR B 214 -10.56 -3.55 17.85
CA TYR B 214 -11.11 -4.88 17.68
C TYR B 214 -10.15 -5.76 16.90
N ALA B 215 -9.65 -5.24 15.78
CA ALA B 215 -8.59 -5.95 15.06
C ALA B 215 -7.46 -6.36 15.98
N ALA B 216 -7.09 -5.51 16.95
CA ALA B 216 -5.98 -5.85 17.82
C ALA B 216 -6.31 -7.05 18.69
N VAL B 217 -7.55 -7.10 19.18
CA VAL B 217 -7.97 -8.22 20.03
C VAL B 217 -8.00 -9.49 19.20
N ILE B 218 -8.66 -9.44 18.04
CA ILE B 218 -8.74 -10.61 17.16
C ILE B 218 -7.36 -11.19 16.87
N ASN B 219 -6.37 -10.33 16.68
CA ASN B 219 -4.99 -10.77 16.51
C ASN B 219 -4.31 -11.11 17.83
N GLY B 220 -5.07 -11.23 18.93
CA GLY B 220 -4.52 -11.69 20.20
C GLY B 220 -3.83 -10.66 21.07
N ASP B 221 -3.93 -9.36 20.75
CA ASP B 221 -3.30 -8.31 21.53
C ASP B 221 -4.39 -7.70 22.42
N ARG B 222 -4.31 -7.94 23.75
CA ARG B 222 -5.43 -7.69 24.66
C ARG B 222 -5.06 -6.91 25.92
N TRP B 223 -3.83 -6.41 26.03
CA TRP B 223 -3.39 -5.85 27.30
C TRP B 223 -4.20 -4.66 27.75
N PHE B 224 -4.80 -3.94 26.78
CA PHE B 224 -5.51 -2.69 27.05
C PHE B 224 -6.95 -2.92 27.49
N LEU B 225 -7.46 -4.14 27.41
CA LEU B 225 -8.85 -4.39 27.78
C LEU B 225 -9.03 -4.40 29.30
N ASN B 226 -10.28 -4.14 29.71
CA ASN B 226 -10.64 -4.05 31.11
C ASN B 226 -12.05 -4.59 31.29
N ARG B 227 -12.42 -4.80 32.56
CA ARG B 227 -13.76 -5.25 32.92
C ARG B 227 -14.72 -4.10 33.20
N PHE B 228 -14.23 -2.85 33.16
CA PHE B 228 -15.04 -1.67 33.41
C PHE B 228 -16.05 -1.46 32.29
N THR B 229 -16.94 -0.49 32.46
CA THR B 229 -17.82 -0.11 31.36
C THR B 229 -18.21 1.36 31.45
N THR B 230 -19.07 1.76 30.52
CA THR B 230 -19.39 3.17 30.35
C THR B 230 -20.70 3.27 29.58
N THR B 231 -21.37 4.38 29.77
CA THR B 231 -22.48 4.70 28.91
C THR B 231 -21.98 5.45 27.69
N LEU B 232 -22.83 5.46 26.65
CA LEU B 232 -22.45 6.17 25.44
C LEU B 232 -22.20 7.64 25.75
N ASN B 233 -23.04 8.25 26.57
CA ASN B 233 -22.85 9.67 26.84
C ASN B 233 -21.59 9.92 27.65
N ASP B 234 -21.31 9.08 28.64
CA ASP B 234 -20.12 9.28 29.44
C ASP B 234 -18.87 9.05 28.60
N PHE B 235 -18.93 8.11 27.66
CA PHE B 235 -17.78 7.94 26.80
C PHE B 235 -17.57 9.20 25.95
N ASN B 236 -18.65 9.75 25.40
CA ASN B 236 -18.50 10.89 24.51
C ASN B 236 -17.96 12.12 25.24
N LEU B 237 -18.29 12.28 26.52
CA LEU B 237 -17.71 13.38 27.29
C LEU B 237 -16.19 13.28 27.31
N VAL B 238 -15.68 12.07 27.54
CA VAL B 238 -14.22 11.89 27.56
C VAL B 238 -13.64 12.07 26.16
N ALA B 239 -14.25 11.44 25.16
CA ALA B 239 -13.81 11.65 23.77
C ALA B 239 -13.66 13.13 23.44
N MET B 240 -14.69 13.92 23.74
CA MET B 240 -14.66 15.33 23.39
C MET B 240 -13.50 16.03 24.08
N LYS B 241 -13.21 15.62 25.34
CA LYS B 241 -12.11 16.22 26.11
C LYS B 241 -10.76 15.96 25.44
N TYR B 242 -10.62 14.85 24.72
CA TYR B 242 -9.37 14.48 24.09
C TYR B 242 -9.37 14.68 22.58
N ASN B 243 -10.32 15.45 22.07
CA ASN B 243 -10.35 15.81 20.65
C ASN B 243 -10.56 14.59 19.79
N TYR B 244 -11.39 13.66 20.28
CA TYR B 244 -11.94 12.59 19.47
C TYR B 244 -13.33 13.00 19.03
N GLU B 245 -13.71 12.54 17.83
CA GLU B 245 -15.04 12.79 17.32
C GLU B 245 -16.09 12.04 18.14
N PRO B 246 -17.32 12.56 18.20
CA PRO B 246 -18.40 11.85 18.89
C PRO B 246 -18.65 10.49 18.27
N LEU B 247 -19.06 9.54 19.11
CA LEU B 247 -19.51 8.22 18.66
C LEU B 247 -21.05 8.23 18.68
N THR B 248 -21.66 7.95 17.54
CA THR B 248 -23.11 7.96 17.46
C THR B 248 -23.66 6.55 17.61
N GLN B 249 -24.99 6.45 17.76
CA GLN B 249 -25.61 5.12 17.78
C GLN B 249 -25.38 4.39 16.46
N ASP B 250 -25.45 5.09 15.32
CA ASP B 250 -25.14 4.42 14.06
C ASP B 250 -23.73 3.84 14.06
N HIS B 251 -22.75 4.57 14.61
CA HIS B 251 -21.42 3.99 14.74
C HIS B 251 -21.45 2.72 15.57
N VAL B 252 -22.16 2.76 16.71
CA VAL B 252 -22.24 1.57 17.57
C VAL B 252 -22.81 0.41 16.77
N ASP B 253 -23.84 0.69 15.99
CA ASP B 253 -24.45 -0.35 15.17
C ASP B 253 -23.45 -0.92 14.16
N ILE B 254 -22.74 -0.03 13.45
CA ILE B 254 -21.76 -0.45 12.44
C ILE B 254 -20.69 -1.34 13.04
N LEU B 255 -20.40 -1.19 14.33
CA LEU B 255 -19.42 -2.02 15.01
C LEU B 255 -19.98 -3.36 15.45
N GLY B 256 -21.27 -3.60 15.19
CA GLY B 256 -21.96 -4.81 15.60
C GLY B 256 -21.26 -6.09 15.20
N PRO B 257 -21.07 -6.29 13.89
CA PRO B 257 -20.35 -7.48 13.43
C PRO B 257 -19.05 -7.70 14.17
N LEU B 258 -18.22 -6.67 14.33
CA LEU B 258 -16.97 -6.82 15.06
C LEU B 258 -17.22 -7.18 16.52
N SER B 259 -18.26 -6.62 17.12
CA SER B 259 -18.54 -6.93 18.52
C SER B 259 -19.01 -8.36 18.67
N ALA B 260 -19.86 -8.82 17.75
CA ALA B 260 -20.36 -10.19 17.79
C ALA B 260 -19.25 -11.20 17.51
N GLN B 261 -18.42 -10.93 16.50
CA GLN B 261 -17.30 -11.82 16.21
C GLN B 261 -16.43 -12.07 17.43
N THR B 262 -16.00 -10.99 18.09
CA THR B 262 -15.31 -11.10 19.37
C THR B 262 -16.36 -11.26 20.46
N GLY B 263 -15.95 -11.27 21.71
CA GLY B 263 -16.96 -11.33 22.75
C GLY B 263 -17.21 -10.03 23.48
N ILE B 264 -16.93 -8.89 22.84
CA ILE B 264 -16.70 -7.63 23.55
C ILE B 264 -17.71 -6.60 23.06
N ALA B 265 -18.61 -6.18 23.95
CA ALA B 265 -19.64 -5.23 23.58
C ALA B 265 -18.98 -3.90 23.23
N VAL B 266 -19.66 -3.16 22.35
CA VAL B 266 -19.11 -1.89 21.89
C VAL B 266 -18.78 -0.99 23.07
N LEU B 267 -19.73 -0.84 24.00
CA LEU B 267 -19.48 0.05 25.13
C LEU B 267 -18.38 -0.44 26.05
N ASP B 268 -18.11 -1.76 26.07
CA ASP B 268 -16.95 -2.24 26.81
C ASP B 268 -15.65 -1.89 26.10
N MET B 269 -15.63 -1.94 24.77
CA MET B 269 -14.45 -1.45 24.06
C MET B 269 -14.27 0.05 24.27
N CYS B 270 -15.37 0.79 24.35
CA CYS B 270 -15.29 2.22 24.64
C CYS B 270 -14.63 2.47 26.00
N ALA B 271 -14.94 1.62 26.99
CA ALA B 271 -14.36 1.77 28.32
C ALA B 271 -12.83 1.57 28.31
N SER B 272 -12.34 0.63 27.49
CA SER B 272 -10.89 0.47 27.33
C SER B 272 -10.27 1.67 26.64
N LEU B 273 -10.92 2.20 25.61
CA LEU B 273 -10.36 3.36 24.94
C LEU B 273 -10.28 4.53 25.90
N LYS B 274 -11.32 4.73 26.70
CA LYS B 274 -11.31 5.82 27.69
C LYS B 274 -10.05 5.76 28.55
N GLU B 275 -9.72 4.58 29.04
CA GLU B 275 -8.54 4.44 29.88
C GLU B 275 -7.27 4.74 29.10
N LEU B 276 -7.19 4.31 27.84
CA LEU B 276 -6.04 4.63 27.01
C LEU B 276 -5.86 6.14 26.88
N LEU B 277 -6.95 6.88 26.65
CA LEU B 277 -6.87 8.33 26.55
C LEU B 277 -6.47 8.95 27.89
N GLN B 278 -6.96 8.37 28.99
CA GLN B 278 -6.71 8.98 30.30
C GLN B 278 -5.34 8.58 30.86
N ASN B 279 -4.94 7.32 30.68
CA ASN B 279 -3.68 6.78 31.21
C ASN B 279 -2.52 6.85 30.21
N GLY B 280 -2.78 6.58 28.94
CA GLY B 280 -1.73 6.41 27.95
C GLY B 280 -1.46 4.95 27.69
N MET B 281 -0.57 4.70 26.71
CA MET B 281 -0.15 3.33 26.40
C MET B 281 1.05 2.87 27.21
N ASN B 282 1.74 3.80 27.89
CA ASN B 282 2.85 3.48 28.77
C ASN B 282 3.88 2.56 28.09
N GLY B 283 4.44 3.10 27.01
CA GLY B 283 5.51 2.43 26.29
C GLY B 283 5.12 1.14 25.58
N ARG B 284 3.91 0.65 25.82
CA ARG B 284 3.49 -0.57 25.14
C ARG B 284 2.93 -0.22 23.77
N THR B 285 2.67 -1.26 22.99
CA THR B 285 2.23 -1.09 21.61
C THR B 285 1.03 -1.98 21.34
N ILE B 286 0.26 -1.60 20.33
CA ILE B 286 -0.93 -2.31 19.91
C ILE B 286 -0.82 -2.54 18.42
N LEU B 287 -0.92 -3.80 18.00
CA LEU B 287 -0.70 -4.18 16.60
C LEU B 287 0.59 -3.59 16.04
N GLY B 288 1.60 -3.41 16.89
CA GLY B 288 2.87 -2.85 16.50
C GLY B 288 3.01 -1.35 16.67
N SER B 289 1.90 -0.64 16.78
CA SER B 289 1.89 0.81 16.79
C SER B 289 2.08 1.33 18.20
N ALA B 290 2.93 2.35 18.35
CA ALA B 290 2.96 3.10 19.59
C ALA B 290 1.82 4.10 19.70
N LEU B 291 0.95 4.20 18.69
CA LEU B 291 -0.06 5.24 18.63
C LEU B 291 -1.39 4.61 18.27
N LEU B 292 -2.48 5.23 18.72
CA LEU B 292 -3.81 4.73 18.39
C LEU B 292 -4.10 5.07 16.93
N GLU B 293 -4.41 4.07 16.13
CA GLU B 293 -4.57 4.23 14.69
C GLU B 293 -6.03 4.45 14.34
N ASP B 294 -6.33 5.49 13.52
CA ASP B 294 -7.72 5.84 13.22
C ASP B 294 -8.03 5.86 11.74
N GLU B 295 -7.19 5.22 10.91
CA GLU B 295 -7.43 5.22 9.47
C GLU B 295 -7.89 3.89 8.91
N PHE B 296 -8.40 2.98 9.75
CA PHE B 296 -9.11 1.80 9.29
C PHE B 296 -10.57 1.96 9.66
N THR B 297 -11.45 1.89 8.68
CA THR B 297 -12.88 1.91 8.95
C THR B 297 -13.36 0.54 9.43
N PRO B 298 -14.57 0.45 10.00
CA PRO B 298 -15.13 -0.87 10.32
C PRO B 298 -15.17 -1.81 9.12
N PHE B 299 -15.60 -1.31 7.96
CA PHE B 299 -15.62 -2.14 6.77
C PHE B 299 -14.21 -2.58 6.38
N ASP B 300 -13.24 -1.67 6.43
CA ASP B 300 -11.86 -2.06 6.15
C ASP B 300 -11.45 -3.22 7.03
N VAL B 301 -11.76 -3.11 8.34
CA VAL B 301 -11.34 -4.13 9.30
C VAL B 301 -11.97 -5.48 8.98
N VAL B 302 -13.25 -5.47 8.60
CA VAL B 302 -13.94 -6.73 8.32
C VAL B 302 -13.39 -7.43 7.07
N ARG B 303 -12.83 -6.69 6.11
CA ARG B 303 -12.21 -7.32 4.93
C ARG B 303 -10.92 -8.05 5.31
N LEU C 3 -1.53 -24.90 4.53
CA LEU C 3 -1.40 -24.50 3.15
C LEU C 3 -2.61 -23.65 2.82
N LEU D 3 0.51 24.59 -4.60
CA LEU D 3 -0.29 23.88 -5.56
C LEU D 3 0.65 22.84 -6.16
#